data_4GCO
#
_entry.id   4GCO
#
_cell.length_a   32.959
_cell.length_b   50.570
_cell.length_c   72.112
_cell.angle_alpha   90.000
_cell.angle_beta   90.000
_cell.angle_gamma   90.000
#
_symmetry.space_group_name_H-M   'P 21 21 21'
#
loop_
_entity.id
_entity.type
_entity.pdbx_description
1 polymer 'Protein STI-1'
2 water water
#
_entity_poly.entity_id   1
_entity_poly.type   'polypeptide(L)'
_entity_poly.pdbx_seq_one_letter_code
;SNARLAYINPELAQEEKNKGNEYFKKGDYPTAMRHYNEAVKRDPENAILYSNRAACLTKLMEFQRALDDCDTCIRLDSKF
IKGYIRKAACLVAMREWSKAQRAYEDALQVDPSNEEAREGVRNCLR
;
_entity_poly.pdbx_strand_id   A
#
# COMPACT_ATOMS: atom_id res chain seq x y z
N TYR A 7 13.18 -1.27 -18.77
CA TYR A 7 14.58 -0.88 -18.41
CA TYR A 7 14.57 -0.98 -18.33
C TYR A 7 14.59 -0.20 -17.04
N ILE A 8 15.41 -0.70 -16.11
CA ILE A 8 15.40 -0.23 -14.72
C ILE A 8 16.16 1.10 -14.59
N ASN A 9 15.46 2.07 -13.99
CA ASN A 9 16.03 3.36 -13.67
C ASN A 9 15.57 3.80 -12.28
N PRO A 10 16.35 3.41 -11.25
CA PRO A 10 15.77 3.64 -9.89
C PRO A 10 15.76 5.12 -9.42
N GLU A 11 16.67 5.95 -9.93
CA GLU A 11 16.63 7.39 -9.63
CA GLU A 11 16.64 7.39 -9.65
C GLU A 11 15.41 8.02 -10.29
N LEU A 12 15.12 7.65 -11.54
CA LEU A 12 13.95 8.21 -12.15
C LEU A 12 12.70 7.77 -11.40
N ALA A 13 12.69 6.50 -10.97
CA ALA A 13 11.56 5.99 -10.23
C ALA A 13 11.29 6.84 -8.98
N GLN A 14 12.37 7.23 -8.33
CA GLN A 14 12.25 8.04 -7.13
C GLN A 14 11.65 9.39 -7.45
N GLU A 15 12.13 9.99 -8.54
CA GLU A 15 11.60 11.28 -8.96
C GLU A 15 10.09 11.20 -9.25
N GLU A 16 9.66 10.08 -9.83
CA GLU A 16 8.27 9.90 -10.23
C GLU A 16 7.39 9.59 -9.02
N LYS A 17 7.95 8.83 -8.09
CA LYS A 17 7.35 8.56 -6.78
C LYS A 17 6.88 9.89 -6.19
N ASN A 18 7.80 10.86 -6.16
CA ASN A 18 7.56 12.15 -5.50
C ASN A 18 6.51 12.98 -6.25
N LYS A 19 6.58 13.03 -7.59
CA LYS A 19 5.50 13.70 -8.34
C LYS A 19 4.17 13.08 -7.95
N GLY A 20 4.13 11.73 -7.92
CA GLY A 20 2.98 10.97 -7.41
C GLY A 20 2.52 11.40 -6.04
N ASN A 21 3.40 11.26 -5.04
CA ASN A 21 3.07 11.62 -3.65
C ASN A 21 2.55 13.07 -3.51
N GLU A 22 3.08 13.98 -4.33
CA GLU A 22 2.68 15.37 -4.28
CA GLU A 22 2.65 15.35 -4.21
C GLU A 22 1.24 15.51 -4.76
N TYR A 23 0.96 14.96 -5.94
CA TYR A 23 -0.39 15.06 -6.49
C TYR A 23 -1.43 14.28 -5.68
N PHE A 24 -0.99 13.14 -5.11
CA PHE A 24 -1.74 12.41 -4.09
C PHE A 24 -2.24 13.38 -3.02
N LYS A 25 -1.40 14.34 -2.62
CA LYS A 25 -1.75 15.22 -1.50
C LYS A 25 -2.61 16.41 -1.85
N LYS A 26 -2.52 16.89 -3.09
CA LYS A 26 -3.54 17.80 -3.62
C LYS A 26 -4.79 16.99 -4.04
N GLY A 27 -4.78 15.67 -3.77
CA GLY A 27 -5.93 14.84 -4.04
C GLY A 27 -6.29 14.70 -5.51
N ASP A 28 -5.38 15.04 -6.42
CA ASP A 28 -5.58 14.71 -7.83
C ASP A 28 -4.92 13.34 -8.07
N TYR A 29 -5.68 12.30 -7.79
CA TYR A 29 -5.15 10.96 -7.87
C TYR A 29 -4.97 10.51 -9.32
N PRO A 30 -5.83 10.98 -10.22
CA PRO A 30 -5.66 10.67 -11.64
C PRO A 30 -4.26 10.97 -12.11
N THR A 31 -3.84 12.22 -11.85
CA THR A 31 -2.50 12.68 -12.18
C THR A 31 -1.43 11.98 -11.29
N ALA A 32 -1.69 11.79 -9.99
CA ALA A 32 -0.76 11.01 -9.15
C ALA A 32 -0.53 9.60 -9.69
N MET A 33 -1.59 8.99 -10.18
CA MET A 33 -1.52 7.64 -10.77
C MET A 33 -0.66 7.60 -11.99
N ARG A 34 -0.72 8.63 -12.86
CA ARG A 34 0.14 8.62 -14.03
C ARG A 34 1.62 8.48 -13.60
N HIS A 35 1.97 9.17 -12.53
CA HIS A 35 3.33 9.16 -11.97
C HIS A 35 3.66 7.90 -11.18
N TYR A 36 2.70 7.35 -10.49
CA TYR A 36 2.96 6.08 -9.78
C TYR A 36 3.21 4.90 -10.72
N ASN A 37 2.46 4.88 -11.82
CA ASN A 37 2.63 3.93 -12.89
C ASN A 37 4.01 3.96 -13.49
N GLU A 38 4.50 5.17 -13.76
CA GLU A 38 5.84 5.35 -14.31
C GLU A 38 6.92 4.93 -13.29
N ALA A 39 6.73 5.27 -12.01
CA ALA A 39 7.66 4.83 -10.96
C ALA A 39 7.75 3.32 -10.94
N VAL A 40 6.59 2.65 -10.88
CA VAL A 40 6.53 1.18 -10.96
C VAL A 40 7.24 0.65 -12.22
N LYS A 41 7.01 1.28 -13.39
CA LYS A 41 7.65 0.87 -14.63
C LYS A 41 9.16 0.88 -14.57
N ARG A 42 9.72 1.89 -13.89
CA ARG A 42 11.17 2.11 -13.77
C ARG A 42 11.90 1.40 -12.63
N ASP A 43 11.18 0.92 -11.62
CA ASP A 43 11.82 0.19 -10.54
C ASP A 43 10.80 -0.84 -10.05
N PRO A 44 10.55 -1.87 -10.90
CA PRO A 44 9.41 -2.76 -10.66
C PRO A 44 9.60 -3.79 -9.52
N GLU A 45 10.81 -3.89 -8.99
CA GLU A 45 11.13 -4.76 -7.84
C GLU A 45 11.12 -4.01 -6.53
N ASN A 46 10.76 -2.73 -6.58
CA ASN A 46 10.75 -1.88 -5.36
C ASN A 46 9.38 -1.87 -4.65
N ALA A 47 9.27 -2.63 -3.56
CA ALA A 47 8.05 -2.78 -2.84
C ALA A 47 7.33 -1.50 -2.48
N ILE A 48 8.07 -0.48 -2.04
CA ILE A 48 7.45 0.76 -1.55
CA ILE A 48 7.48 0.78 -1.55
C ILE A 48 6.63 1.43 -2.63
N LEU A 49 7.04 1.27 -3.89
CA LEU A 49 6.28 1.86 -5.01
C LEU A 49 4.88 1.27 -5.13
N TYR A 50 4.74 -0.03 -4.81
CA TYR A 50 3.45 -0.68 -4.81
C TYR A 50 2.57 -0.31 -3.62
N SER A 51 3.20 -0.12 -2.47
CA SER A 51 2.51 0.38 -1.25
CA SER A 51 2.39 0.33 -1.30
C SER A 51 1.90 1.75 -1.56
N ASN A 52 2.74 2.62 -2.14
CA ASN A 52 2.30 3.93 -2.51
C ASN A 52 1.18 3.90 -3.53
N ARG A 53 1.35 3.08 -4.55
CA ARG A 53 0.32 3.02 -5.57
C ARG A 53 -0.99 2.44 -5.02
N ALA A 54 -0.89 1.45 -4.13
CA ALA A 54 -2.04 0.88 -3.45
C ALA A 54 -2.87 1.88 -2.70
N ALA A 55 -2.23 2.86 -2.04
CA ALA A 55 -2.96 3.89 -1.26
C ALA A 55 -3.80 4.72 -2.19
N CYS A 56 -3.22 5.05 -3.34
CA CYS A 56 -3.89 5.85 -4.34
C CYS A 56 -5.03 5.09 -4.99
N LEU A 57 -4.77 3.84 -5.36
CA LEU A 57 -5.81 3.01 -6.01
C LEU A 57 -6.99 2.83 -5.05
N THR A 58 -6.71 2.68 -3.75
CA THR A 58 -7.75 2.57 -2.73
C THR A 58 -8.66 3.84 -2.65
N LYS A 59 -8.07 5.05 -2.67
CA LYS A 59 -8.83 6.32 -2.74
C LYS A 59 -9.73 6.38 -3.96
N LEU A 60 -9.22 5.83 -5.07
CA LEU A 60 -9.94 5.78 -6.34
C LEU A 60 -11.01 4.64 -6.37
N MET A 61 -11.09 3.84 -5.31
CA MET A 61 -11.97 2.64 -5.29
C MET A 61 -11.67 1.58 -6.34
N GLU A 62 -10.42 1.57 -6.82
CA GLU A 62 -9.91 0.51 -7.67
C GLU A 62 -9.39 -0.59 -6.75
N PHE A 63 -10.32 -1.25 -6.07
CA PHE A 63 -9.98 -2.16 -5.00
C PHE A 63 -9.24 -3.40 -5.51
N GLN A 64 -9.67 -3.97 -6.65
CA GLN A 64 -8.98 -5.13 -7.22
C GLN A 64 -7.53 -4.80 -7.54
N ARG A 65 -7.31 -3.63 -8.19
CA ARG A 65 -5.92 -3.25 -8.51
C ARG A 65 -5.13 -2.92 -7.26
N ALA A 66 -5.76 -2.24 -6.32
CA ALA A 66 -5.13 -1.95 -5.02
C ALA A 66 -4.64 -3.21 -4.31
N LEU A 67 -5.50 -4.21 -4.17
CA LEU A 67 -5.10 -5.39 -3.44
C LEU A 67 -4.00 -6.19 -4.23
N ASP A 68 -4.05 -6.16 -5.56
CA ASP A 68 -2.95 -6.75 -6.38
C ASP A 68 -1.66 -6.08 -5.94
N ASP A 69 -1.62 -4.74 -5.92
CA ASP A 69 -0.41 -4.01 -5.50
C ASP A 69 0.05 -4.34 -4.07
N CYS A 70 -0.89 -4.55 -3.16
CA CYS A 70 -0.56 -4.93 -1.79
C CYS A 70 0.08 -6.28 -1.78
N ASP A 71 -0.48 -7.23 -2.56
CA ASP A 71 0.19 -8.53 -2.64
C ASP A 71 1.58 -8.47 -3.26
N THR A 72 1.71 -7.61 -4.25
CA THR A 72 3.03 -7.42 -4.81
C THR A 72 4.02 -6.93 -3.77
N CYS A 73 3.66 -5.93 -3.03
CA CYS A 73 4.48 -5.39 -1.99
C CYS A 73 4.92 -6.47 -1.00
N ILE A 74 3.97 -7.30 -0.58
CA ILE A 74 4.16 -8.37 0.40
C ILE A 74 5.07 -9.47 -0.15
N ARG A 75 4.89 -9.76 -1.43
CA ARG A 75 5.77 -10.69 -2.16
CA ARG A 75 5.76 -10.68 -2.18
C ARG A 75 7.16 -10.13 -2.31
N LEU A 76 7.29 -8.87 -2.69
CA LEU A 76 8.64 -8.38 -2.92
C LEU A 76 9.42 -8.23 -1.62
N ASP A 77 8.76 -7.83 -0.57
CA ASP A 77 9.37 -7.67 0.72
C ASP A 77 8.50 -8.10 1.84
N SER A 78 8.60 -9.38 2.26
CA SER A 78 7.66 -9.88 3.26
C SER A 78 7.83 -9.26 4.63
N LYS A 79 8.95 -8.59 4.85
CA LYS A 79 9.24 -7.84 6.09
C LYS A 79 8.78 -6.38 6.12
N PHE A 80 8.32 -5.84 5.00
CA PHE A 80 8.01 -4.43 4.88
C PHE A 80 6.57 -4.30 5.38
N ILE A 81 6.42 -3.61 6.49
CA ILE A 81 5.11 -3.69 7.19
C ILE A 81 4.02 -3.01 6.42
N LYS A 82 4.34 -2.01 5.62
CA LYS A 82 3.27 -1.24 5.00
C LYS A 82 2.47 -2.03 3.96
N GLY A 83 3.03 -3.03 3.29
CA GLY A 83 2.23 -3.88 2.41
C GLY A 83 1.01 -4.47 3.12
N TYR A 84 1.18 -4.94 4.36
CA TYR A 84 0.14 -5.54 5.12
C TYR A 84 -0.84 -4.47 5.55
N ILE A 85 -0.31 -3.31 5.96
CA ILE A 85 -1.16 -2.18 6.41
CA ILE A 85 -1.18 -2.24 6.43
C ILE A 85 -2.04 -1.71 5.27
N ARG A 86 -1.44 -1.55 4.10
CA ARG A 86 -2.25 -1.06 2.94
C ARG A 86 -3.31 -2.09 2.53
N LYS A 87 -2.98 -3.38 2.64
CA LYS A 87 -3.92 -4.47 2.38
C LYS A 87 -5.14 -4.33 3.37
N ALA A 88 -4.81 -4.17 4.64
CA ALA A 88 -5.84 -4.05 5.69
C ALA A 88 -6.63 -2.84 5.44
N ALA A 89 -6.00 -1.72 5.15
CA ALA A 89 -6.75 -0.49 4.95
C ALA A 89 -7.71 -0.53 3.77
N CYS A 90 -7.25 -1.16 2.67
CA CYS A 90 -8.12 -1.40 1.53
C CYS A 90 -9.32 -2.26 1.90
N LEU A 91 -9.12 -3.26 2.71
CA LEU A 91 -10.20 -4.14 3.10
C LEU A 91 -11.14 -3.38 4.01
N VAL A 92 -10.62 -2.51 4.89
CA VAL A 92 -11.54 -1.61 5.69
C VAL A 92 -12.38 -0.76 4.76
N ALA A 93 -11.79 -0.14 3.75
CA ALA A 93 -12.51 0.66 2.76
C ALA A 93 -13.66 -0.10 2.03
N MET A 94 -13.47 -1.39 1.79
CA MET A 94 -14.42 -2.35 1.25
C MET A 94 -15.46 -2.87 2.29
N ARG A 95 -15.29 -2.50 3.54
CA ARG A 95 -16.02 -3.08 4.69
C ARG A 95 -15.90 -4.58 4.82
N GLU A 96 -14.74 -5.12 4.40
CA GLU A 96 -14.44 -6.51 4.55
C GLU A 96 -13.77 -6.69 5.91
N TRP A 97 -14.55 -6.58 6.96
CA TRP A 97 -13.94 -6.39 8.32
C TRP A 97 -13.14 -7.53 8.83
N SER A 98 -13.68 -8.72 8.65
CA SER A 98 -12.99 -9.92 9.06
CA SER A 98 -12.99 -9.94 9.03
C SER A 98 -11.66 -10.09 8.33
N LYS A 99 -11.64 -9.88 7.01
CA LYS A 99 -10.37 -9.98 6.29
C LYS A 99 -9.40 -8.84 6.66
N ALA A 100 -9.95 -7.65 6.89
CA ALA A 100 -9.15 -6.49 7.32
C ALA A 100 -8.47 -6.78 8.65
N GLN A 101 -9.20 -7.41 9.56
CA GLN A 101 -8.66 -7.71 10.91
C GLN A 101 -7.50 -8.68 10.77
N ARG A 102 -7.70 -9.72 9.96
CA ARG A 102 -6.59 -10.66 9.71
CA ARG A 102 -6.63 -10.66 9.65
C ARG A 102 -5.40 -10.01 9.01
N ALA A 103 -5.56 -9.06 8.09
CA ALA A 103 -4.43 -8.39 7.47
C ALA A 103 -3.61 -7.57 8.51
N TYR A 104 -4.29 -6.90 9.39
CA TYR A 104 -3.64 -6.13 10.48
C TYR A 104 -2.95 -7.08 11.42
N GLU A 105 -3.59 -8.22 11.66
CA GLU A 105 -2.92 -9.24 12.49
C GLU A 105 -1.71 -9.83 11.80
N ASP A 106 -1.77 -10.02 10.47
CA ASP A 106 -0.54 -10.38 9.72
C ASP A 106 0.60 -9.34 9.89
N ALA A 107 0.25 -8.06 9.90
CA ALA A 107 1.22 -7.01 10.14
C ALA A 107 1.85 -7.16 11.54
N LEU A 108 1.01 -7.48 12.52
CA LEU A 108 1.45 -7.59 13.92
C LEU A 108 2.34 -8.81 14.09
N GLN A 109 2.11 -9.84 13.25
CA GLN A 109 3.03 -10.98 13.26
CA GLN A 109 3.03 -10.98 13.26
C GLN A 109 4.42 -10.55 12.84
N VAL A 110 4.48 -9.64 11.88
CA VAL A 110 5.75 -9.08 11.41
C VAL A 110 6.38 -8.15 12.45
N ASP A 111 5.58 -7.27 13.06
CA ASP A 111 6.05 -6.39 14.08
C ASP A 111 4.96 -6.21 15.11
N PRO A 112 5.06 -6.97 16.24
CA PRO A 112 3.94 -6.81 17.25
C PRO A 112 3.85 -5.42 17.91
N SER A 113 4.87 -4.58 17.76
CA SER A 113 4.86 -3.23 18.29
C SER A 113 4.23 -2.18 17.35
N ASN A 114 3.79 -2.61 16.19
CA ASN A 114 3.26 -1.68 15.19
C ASN A 114 1.92 -1.08 15.68
N GLU A 115 1.99 0.18 16.01
CA GLU A 115 0.84 0.89 16.57
CA GLU A 115 0.84 0.87 16.56
C GLU A 115 -0.29 1.04 15.52
N GLU A 116 0.06 1.30 14.27
CA GLU A 116 -0.96 1.47 13.19
C GLU A 116 -1.78 0.22 13.05
N ALA A 117 -1.12 -0.94 13.07
CA ALA A 117 -1.80 -2.24 12.97
C ALA A 117 -2.63 -2.56 14.20
N ARG A 118 -2.13 -2.24 15.38
CA ARG A 118 -2.90 -2.43 16.59
C ARG A 118 -4.13 -1.56 16.61
N GLU A 119 -4.03 -0.30 16.14
CA GLU A 119 -5.23 0.56 16.01
C GLU A 119 -6.15 0.03 14.96
N GLY A 120 -5.59 -0.50 13.89
CA GLY A 120 -6.42 -1.08 12.85
C GLY A 120 -7.27 -2.26 13.36
N VAL A 121 -6.72 -3.08 14.22
CA VAL A 121 -7.48 -4.20 14.81
C VAL A 121 -8.66 -3.62 15.65
N ARG A 122 -8.42 -2.58 16.44
CA ARG A 122 -9.47 -1.87 17.21
C ARG A 122 -10.56 -1.42 16.30
N ASN A 123 -10.17 -0.82 15.18
CA ASN A 123 -11.17 -0.30 14.22
C ASN A 123 -12.09 -1.39 13.62
N CYS A 124 -11.56 -2.60 13.48
CA CYS A 124 -12.24 -3.74 12.92
C CYS A 124 -13.22 -4.41 13.88
N LEU A 125 -13.14 -4.13 15.18
CA LEU A 125 -14.13 -4.68 16.12
CA LEU A 125 -14.12 -4.68 16.12
C LEU A 125 -15.52 -4.10 15.81
N ARG A 126 -16.47 -4.96 15.48
CA ARG A 126 -17.82 -4.57 15.00
C ARG A 126 -18.88 -4.73 16.04
#